data_7TQ6
#
_entry.id   7TQ6
#
_cell.length_a   55.260
_cell.length_b   98.720
_cell.length_c   58.920
_cell.angle_alpha   90.00
_cell.angle_beta   108.19
_cell.angle_gamma   90.00
#
_symmetry.space_group_name_H-M   'P 1 21 1'
#
loop_
_entity.id
_entity.type
_entity.pdbx_description
1 polymer '3C-like proteinase'
2 non-polymer '(1S,2S)-1-hydroxy-3-[(3S)-2-oxopyrrolidin-3-yl]-2-{[N-({[(1R,2R)-2-propylcyclopropyl]methoxy}carbonyl)-L-leucyl]amino}propane-1-sulfonic acid'
3 non-polymer '(1R,2S)-1-hydroxy-3-[(3S)-2-oxopyrrolidin-3-yl]-2-{[N-({[(1R,2R)-2-propylcyclopropyl]methoxy}carbonyl)-L-leucyl]amino}propane-1-sulfonic acid'
4 non-polymer 'TETRAETHYLENE GLYCOL'
5 water water
#
_entity_poly.entity_id   1
_entity_poly.type   'polypeptide(L)'
_entity_poly.pdbx_seq_one_letter_code
;SNIGSGFRKMAFPSGKVEGCMVQVTCGTTTLNGLWLDDVVYCPRHVICTSEDMLNPNYEDLLIRKSNHNFLVQAGNVQLR
VIGHSMQNCVLKLKVDTANPKTPKYKFVRIQPGQTFSVLACYNGSPSGVYQCAMRPNFTIKGSFLNGSCGSVGFNIDYDC
VSFCYMHHMELPTGVHAGTDLEGNFYGPFVDRQTAQAAGTDTTITVNVLAWLYAAVINGDRWFLNRFTTTLNDFNLVAMK
YNYEPLTQDHVDILGPLSAQTGIAVLDMCASLKELLQNGMNGRTILGSALLEDEFTPFDVVRQCSGVTF
;
_entity_poly.pdbx_strand_id   A,B
#
# COMPACT_ATOMS: atom_id res chain seq x y z
N ARG A 8 -1.39 9.87 1.85
CA ARG A 8 -1.53 8.47 1.46
C ARG A 8 -0.20 7.72 1.47
N LYS A 9 -0.12 6.65 2.25
CA LYS A 9 1.08 5.81 2.26
C LYS A 9 1.12 5.02 0.97
N MET A 10 2.21 5.19 0.22
CA MET A 10 2.27 4.74 -1.16
C MET A 10 3.54 3.95 -1.36
N ALA A 11 3.40 2.74 -1.88
CA ALA A 11 4.53 1.88 -2.18
C ALA A 11 4.92 2.04 -3.65
N PHE A 12 6.18 1.69 -3.94
CA PHE A 12 6.59 1.60 -5.33
C PHE A 12 5.87 0.45 -6.05
N PRO A 13 5.64 0.59 -7.35
CA PRO A 13 5.08 -0.53 -8.10
C PRO A 13 6.01 -1.72 -7.98
N SER A 14 5.42 -2.88 -7.75
CA SER A 14 6.18 -4.07 -7.36
C SER A 14 6.53 -5.00 -8.52
N GLY A 15 6.11 -4.69 -9.76
CA GLY A 15 6.29 -5.65 -10.85
C GLY A 15 7.72 -6.08 -11.08
N LYS A 16 8.66 -5.14 -11.08
CA LYS A 16 10.05 -5.49 -11.33
C LYS A 16 10.57 -6.45 -10.29
N VAL A 17 10.03 -6.40 -9.06
CA VAL A 17 10.50 -7.33 -8.03
C VAL A 17 9.75 -8.65 -8.09
N GLU A 18 8.46 -8.63 -8.45
CA GLU A 18 7.67 -9.83 -8.62
C GLU A 18 8.34 -10.81 -9.57
N GLY A 19 8.91 -10.29 -10.66
CA GLY A 19 9.57 -11.15 -11.64
C GLY A 19 10.83 -11.80 -11.17
N CYS A 20 11.24 -11.53 -9.93
CA CYS A 20 12.43 -12.11 -9.34
C CYS A 20 12.15 -13.08 -8.22
N MET A 21 10.91 -13.23 -7.79
CA MET A 21 10.63 -14.04 -6.61
C MET A 21 10.53 -15.51 -7.00
N VAL A 22 11.20 -16.37 -6.23
CA VAL A 22 11.14 -17.81 -6.41
C VAL A 22 10.95 -18.48 -5.04
N GLN A 23 10.69 -19.78 -5.09
CA GLN A 23 10.54 -20.57 -3.88
C GLN A 23 11.81 -21.40 -3.69
N VAL A 24 12.26 -21.49 -2.44
CA VAL A 24 13.46 -22.24 -2.08
C VAL A 24 13.09 -23.18 -0.94
N THR A 25 13.46 -24.46 -1.09
CA THR A 25 13.10 -25.47 -0.11
C THR A 25 14.34 -26.26 0.24
N CYS A 26 14.51 -26.52 1.52
CA CYS A 26 15.55 -27.41 2.01
C CYS A 26 14.93 -28.20 3.16
N GLY A 27 14.93 -29.53 3.03
CA GLY A 27 14.23 -30.33 4.03
C GLY A 27 12.75 -30.03 4.01
N THR A 28 12.19 -29.80 5.20
CA THR A 28 10.82 -29.39 5.35
C THR A 28 10.68 -27.88 5.52
N THR A 29 11.71 -27.13 5.13
CA THR A 29 11.72 -25.67 5.31
C THR A 29 11.59 -25.00 3.94
N THR A 30 10.57 -24.16 3.79
CA THR A 30 10.32 -23.47 2.54
C THR A 30 10.23 -21.98 2.82
N LEU A 31 10.92 -21.19 1.99
CA LEU A 31 10.75 -19.74 2.05
C LEU A 31 11.00 -19.16 0.66
N ASN A 32 11.15 -17.85 0.60
CA ASN A 32 11.29 -17.15 -0.67
C ASN A 32 12.76 -16.85 -0.97
N GLY A 33 13.09 -16.83 -2.27
CA GLY A 33 14.35 -16.31 -2.72
C GLY A 33 14.19 -15.25 -3.80
N LEU A 34 15.25 -14.50 -3.98
CA LEU A 34 15.35 -13.41 -4.95
C LEU A 34 16.32 -13.83 -6.04
N TRP A 35 15.81 -13.95 -7.26
CA TRP A 35 16.53 -14.53 -8.42
C TRP A 35 16.98 -13.39 -9.33
N LEU A 36 18.27 -13.08 -9.30
CA LEU A 36 18.85 -12.02 -10.12
C LEU A 36 19.94 -12.63 -10.97
N ASP A 37 19.86 -12.42 -12.28
CA ASP A 37 20.77 -13.06 -13.24
C ASP A 37 20.77 -14.55 -12.95
N ASP A 38 21.92 -15.20 -12.67
CA ASP A 38 21.89 -16.63 -12.37
C ASP A 38 22.16 -16.95 -10.89
N VAL A 39 21.74 -16.06 -9.98
CA VAL A 39 21.91 -16.29 -8.56
C VAL A 39 20.59 -16.08 -7.83
N VAL A 40 20.30 -16.97 -6.89
CA VAL A 40 19.14 -16.86 -6.01
C VAL A 40 19.64 -16.55 -4.60
N TYR A 41 19.15 -15.45 -4.03
CA TYR A 41 19.50 -15.03 -2.67
C TYR A 41 18.37 -15.37 -1.71
N CYS A 42 18.71 -15.90 -0.53
CA CYS A 42 17.66 -16.25 0.43
C CYS A 42 18.27 -16.31 1.82
N PRO A 43 17.43 -16.30 2.85
CA PRO A 43 17.93 -16.41 4.23
C PRO A 43 18.59 -17.76 4.44
N ARG A 44 19.74 -17.74 5.09
CA ARG A 44 20.45 -18.99 5.31
C ARG A 44 19.72 -19.93 6.26
N HIS A 45 18.80 -19.45 7.10
CA HIS A 45 18.16 -20.36 8.05
C HIS A 45 17.23 -21.37 7.36
N VAL A 46 17.07 -21.29 6.04
CA VAL A 46 16.37 -22.33 5.30
C VAL A 46 17.05 -23.68 5.50
N ILE A 47 18.34 -23.70 5.86
CA ILE A 47 19.02 -24.99 5.99
C ILE A 47 18.82 -25.60 7.36
N CYS A 48 18.16 -24.91 8.26
CA CYS A 48 17.97 -25.41 9.61
C CYS A 48 16.79 -26.36 9.68
N THR A 49 16.82 -27.20 10.70
CA THR A 49 15.70 -28.00 11.12
C THR A 49 15.14 -27.41 12.42
N SER A 50 14.13 -28.08 12.97
CA SER A 50 13.59 -27.70 14.26
C SER A 50 14.71 -27.59 15.30
N GLU A 51 15.51 -28.64 15.45
CA GLU A 51 16.53 -28.67 16.49
C GLU A 51 17.71 -27.76 16.18
N ASP A 52 17.91 -27.38 14.92
CA ASP A 52 19.06 -26.53 14.59
C ASP A 52 18.84 -25.10 15.05
N MET A 53 17.58 -24.65 15.09
CA MET A 53 17.30 -23.22 15.14
C MET A 53 17.75 -22.56 16.44
N LEU A 54 17.87 -23.33 17.53
CA LEU A 54 18.18 -22.71 18.83
C LEU A 54 19.58 -22.10 18.87
N ASN A 55 20.58 -22.85 18.38
CA ASN A 55 21.97 -22.37 18.33
C ASN A 55 22.60 -22.99 17.10
N PRO A 56 22.25 -22.47 15.91
CA PRO A 56 22.74 -23.04 14.66
C PRO A 56 24.18 -22.63 14.38
N ASN A 57 25.05 -23.62 14.15
CA ASN A 57 26.41 -23.31 13.69
C ASN A 57 26.35 -23.35 12.17
N TYR A 58 26.09 -22.21 11.56
CA TYR A 58 25.71 -22.22 10.14
C TYR A 58 26.81 -22.75 9.24
N GLU A 59 28.08 -22.39 9.46
CA GLU A 59 29.15 -22.91 8.61
C GLU A 59 29.20 -24.44 8.69
N ASP A 60 28.95 -24.99 9.88
CA ASP A 60 28.93 -26.44 10.06
C ASP A 60 27.71 -27.06 9.40
N LEU A 61 26.55 -26.43 9.54
CA LEU A 61 25.35 -26.95 8.89
C LEU A 61 25.47 -26.87 7.37
N LEU A 62 26.10 -25.80 6.86
CA LEU A 62 26.15 -25.62 5.41
C LEU A 62 27.11 -26.59 4.73
N ILE A 63 28.25 -26.87 5.35
CA ILE A 63 29.22 -27.77 4.71
C ILE A 63 28.65 -29.17 4.54
N ARG A 64 27.65 -29.51 5.34
CA ARG A 64 26.98 -30.80 5.28
C ARG A 64 25.88 -30.83 4.23
N LYS A 65 25.69 -29.76 3.46
CA LYS A 65 24.68 -29.71 2.41
C LYS A 65 25.31 -29.82 1.02
N SER A 66 24.55 -30.43 0.11
CA SER A 66 24.91 -30.48 -1.30
C SER A 66 24.01 -29.56 -2.12
N ASN A 67 24.48 -29.22 -3.32
CA ASN A 67 23.63 -28.45 -4.23
C ASN A 67 22.24 -29.07 -4.32
N HIS A 68 22.14 -30.39 -4.34
CA HIS A 68 20.87 -31.06 -4.59
C HIS A 68 19.94 -31.06 -3.38
N ASN A 69 20.38 -30.61 -2.21
CA ASN A 69 19.48 -30.47 -1.08
C ASN A 69 18.61 -29.22 -1.20
N PHE A 70 18.88 -28.37 -2.19
CA PHE A 70 18.13 -27.13 -2.38
C PHE A 70 17.21 -27.30 -3.59
N LEU A 71 15.91 -27.13 -3.37
CA LEU A 71 14.92 -27.17 -4.43
C LEU A 71 14.46 -25.73 -4.69
N VAL A 72 14.81 -25.19 -5.84
CA VAL A 72 14.40 -23.86 -6.26
C VAL A 72 13.35 -23.99 -7.34
N GLN A 73 12.20 -23.35 -7.13
CA GLN A 73 11.10 -23.39 -8.08
C GLN A 73 10.69 -21.98 -8.46
N ALA A 74 10.67 -21.71 -9.76
CA ALA A 74 10.14 -20.47 -10.35
C ALA A 74 8.85 -20.85 -11.05
N GLY A 75 7.72 -20.66 -10.38
CA GLY A 75 6.47 -21.15 -10.93
C GLY A 75 6.47 -22.68 -10.97
N ASN A 76 6.16 -23.25 -12.13
CA ASN A 76 6.14 -24.69 -12.31
C ASN A 76 7.49 -25.26 -12.69
N VAL A 77 8.51 -24.41 -12.86
CA VAL A 77 9.81 -24.81 -13.37
C VAL A 77 10.79 -24.89 -12.21
N GLN A 78 11.47 -26.03 -12.11
CA GLN A 78 12.56 -26.17 -11.15
C GLN A 78 13.83 -25.63 -11.79
N LEU A 79 14.61 -24.88 -11.00
CA LEU A 79 15.91 -24.39 -11.42
C LEU A 79 16.98 -25.21 -10.75
N ARG A 80 17.93 -25.71 -11.53
CA ARG A 80 18.95 -26.58 -10.97
C ARG A 80 20.06 -25.75 -10.32
N VAL A 81 20.34 -26.03 -9.05
CA VAL A 81 21.41 -25.36 -8.32
C VAL A 81 22.76 -25.96 -8.69
N ILE A 82 23.66 -25.13 -9.21
CA ILE A 82 24.97 -25.59 -9.66
C ILE A 82 26.09 -25.04 -8.78
N GLY A 83 25.77 -24.55 -7.60
CA GLY A 83 26.75 -23.95 -6.73
C GLY A 83 26.06 -23.22 -5.61
N HIS A 84 26.72 -23.09 -4.46
CA HIS A 84 26.15 -22.35 -3.35
C HIS A 84 27.26 -21.79 -2.48
N SER A 85 26.99 -20.63 -1.89
CA SER A 85 27.91 -20.02 -0.96
C SER A 85 27.07 -19.25 0.04
N MET A 86 27.72 -18.83 1.11
CA MET A 86 27.09 -18.09 2.19
C MET A 86 27.78 -16.75 2.34
N GLN A 87 27.01 -15.67 2.44
CA GLN A 87 27.54 -14.35 2.71
C GLN A 87 26.80 -13.83 3.93
N ASN A 88 27.48 -13.81 5.08
CA ASN A 88 26.82 -13.44 6.33
C ASN A 88 25.54 -14.25 6.47
N CYS A 89 24.36 -13.64 6.62
CA CYS A 89 23.16 -14.42 6.89
C CYS A 89 22.35 -14.75 5.64
N VAL A 90 22.91 -14.55 4.46
CA VAL A 90 22.26 -14.85 3.19
CA VAL A 90 22.22 -14.90 3.22
C VAL A 90 22.98 -16.00 2.51
N LEU A 91 22.21 -16.88 1.90
CA LEU A 91 22.69 -17.97 1.07
C LEU A 91 22.57 -17.53 -0.37
N LYS A 92 23.60 -17.82 -1.18
CA LYS A 92 23.61 -17.50 -2.59
C LYS A 92 23.64 -18.82 -3.35
N LEU A 93 22.57 -19.12 -4.07
CA LEU A 93 22.43 -20.35 -4.84
C LEU A 93 22.64 -20.02 -6.31
N LYS A 94 23.71 -20.57 -6.88
CA LYS A 94 23.97 -20.39 -8.31
C LYS A 94 23.11 -21.40 -9.05
N VAL A 95 22.42 -20.94 -10.09
CA VAL A 95 21.53 -21.78 -10.87
C VAL A 95 21.96 -21.76 -12.33
N ASP A 96 21.49 -22.75 -13.08
CA ASP A 96 21.93 -22.88 -14.47
C ASP A 96 21.18 -21.96 -15.43
N THR A 97 20.16 -21.24 -14.96
CA THR A 97 19.35 -20.39 -15.82
C THR A 97 19.48 -18.94 -15.39
N ALA A 98 19.53 -18.01 -16.34
CA ALA A 98 19.51 -16.59 -16.01
C ALA A 98 18.06 -16.12 -16.03
N ASN A 99 17.68 -15.35 -15.02
CA ASN A 99 16.37 -14.72 -15.00
C ASN A 99 16.26 -13.64 -16.08
N PRO A 100 15.49 -13.86 -17.15
CA PRO A 100 15.33 -12.81 -18.17
C PRO A 100 14.59 -11.59 -17.66
N LYS A 101 13.88 -11.70 -16.53
CA LYS A 101 13.16 -10.57 -15.96
C LYS A 101 14.00 -9.77 -14.96
N THR A 102 15.28 -10.11 -14.80
CA THR A 102 16.15 -9.36 -13.90
C THR A 102 16.13 -7.88 -14.26
N PRO A 103 15.75 -6.99 -13.34
CA PRO A 103 15.81 -5.55 -13.62
C PRO A 103 17.21 -5.04 -13.39
N LYS A 104 17.44 -3.81 -13.87
CA LYS A 104 18.61 -3.07 -13.40
C LYS A 104 18.49 -2.89 -11.89
N TYR A 105 19.55 -3.18 -11.15
CA TYR A 105 19.43 -3.20 -9.71
C TYR A 105 20.74 -2.88 -9.01
N LYS A 106 20.62 -2.52 -7.73
CA LYS A 106 21.75 -2.43 -6.84
C LYS A 106 21.32 -2.86 -5.46
N PHE A 107 22.31 -3.13 -4.62
CA PHE A 107 22.14 -3.50 -3.23
C PHE A 107 22.58 -2.31 -2.41
N VAL A 108 21.72 -1.84 -1.51
CA VAL A 108 22.08 -0.72 -0.67
C VAL A 108 21.75 -1.06 0.78
N ARG A 109 22.44 -0.41 1.68
CA ARG A 109 22.12 -0.50 3.08
C ARG A 109 21.50 0.82 3.48
N ILE A 110 20.26 0.78 3.95
CA ILE A 110 19.56 2.03 4.24
C ILE A 110 19.87 2.46 5.67
N GLN A 111 19.66 3.75 5.91
CA GLN A 111 19.84 4.40 7.19
C GLN A 111 18.52 4.41 7.96
N PRO A 112 18.56 4.38 9.28
CA PRO A 112 17.30 4.48 10.03
C PRO A 112 16.61 5.79 9.70
N GLY A 113 15.28 5.73 9.65
CA GLY A 113 14.47 6.84 9.19
C GLY A 113 14.12 6.80 7.72
N GLN A 114 14.88 6.06 6.92
CA GLN A 114 14.57 5.90 5.51
C GLN A 114 13.41 4.92 5.34
N THR A 115 12.69 5.08 4.24
CA THR A 115 11.54 4.23 3.93
C THR A 115 11.85 3.34 2.73
N PHE A 116 11.06 2.28 2.62
CA PHE A 116 11.18 1.37 1.48
C PHE A 116 9.85 0.64 1.34
N SER A 117 9.65 0.04 0.19
CA SER A 117 8.51 -0.82 -0.06
C SER A 117 8.89 -2.27 0.21
N VAL A 118 7.94 -3.03 0.78
CA VAL A 118 8.07 -4.46 1.02
C VAL A 118 7.10 -5.19 0.11
N LEU A 119 7.62 -6.19 -0.61
CA LEU A 119 6.79 -7.13 -1.36
C LEU A 119 6.73 -8.40 -0.51
N ALA A 120 5.63 -8.56 0.22
CA ALA A 120 5.46 -9.75 1.04
C ALA A 120 5.08 -10.94 0.16
N CYS A 121 5.81 -12.06 0.32
CA CYS A 121 5.62 -13.24 -0.50
C CYS A 121 5.53 -14.49 0.35
N TYR A 122 4.83 -15.49 -0.18
CA TYR A 122 4.73 -16.82 0.42
C TYR A 122 4.90 -17.85 -0.69
N ASN A 123 5.76 -18.85 -0.45
CA ASN A 123 5.99 -19.92 -1.43
C ASN A 123 6.38 -19.35 -2.79
N GLY A 124 7.19 -18.30 -2.77
CA GLY A 124 7.68 -17.67 -3.97
C GLY A 124 6.68 -16.83 -4.71
N SER A 125 5.46 -16.70 -4.18
CA SER A 125 4.38 -15.95 -4.81
C SER A 125 4.10 -14.64 -4.08
N PRO A 126 4.01 -13.53 -4.81
CA PRO A 126 3.68 -12.24 -4.20
C PRO A 126 2.27 -12.20 -3.63
N SER A 127 2.14 -11.65 -2.43
CA SER A 127 0.86 -11.51 -1.74
C SER A 127 0.45 -10.07 -1.52
N GLY A 128 1.38 -9.14 -1.24
CA GLY A 128 1.01 -7.77 -0.94
C GLY A 128 2.21 -6.84 -0.96
N VAL A 129 1.93 -5.54 -1.07
CA VAL A 129 3.00 -4.55 -1.07
CA VAL A 129 2.98 -4.52 -1.11
C VAL A 129 2.63 -3.42 -0.13
N TYR A 130 3.61 -2.95 0.63
CA TYR A 130 3.37 -1.85 1.53
C TYR A 130 4.68 -1.14 1.86
N GLN A 131 4.54 0.07 2.39
CA GLN A 131 5.65 0.92 2.74
C GLN A 131 6.01 0.74 4.21
N CYS A 132 7.31 0.66 4.49
CA CYS A 132 7.90 0.48 5.82
C CYS A 132 8.97 1.56 6.01
N ALA A 133 9.30 1.83 7.28
CA ALA A 133 10.48 2.62 7.59
C ALA A 133 11.45 1.77 8.39
N MET A 134 12.73 1.96 8.15
CA MET A 134 13.72 1.42 9.08
C MET A 134 13.64 2.22 10.39
N ARG A 135 13.21 1.57 11.48
CA ARG A 135 13.09 2.29 12.76
C ARG A 135 14.48 2.70 13.27
N PRO A 136 14.53 3.68 14.18
CA PRO A 136 15.82 4.03 14.79
C PRO A 136 16.47 2.87 15.52
N ASN A 137 15.67 1.98 16.12
CA ASN A 137 16.17 0.79 16.79
C ASN A 137 16.34 -0.39 15.84
N PHE A 138 16.24 -0.13 14.54
CA PHE A 138 16.59 -1.05 13.46
C PHE A 138 15.63 -2.23 13.35
N THR A 139 14.45 -2.11 13.92
CA THR A 139 13.34 -2.99 13.57
C THR A 139 12.52 -2.35 12.46
N ILE A 140 11.59 -3.12 11.89
CA ILE A 140 10.59 -2.58 11.00
C ILE A 140 9.22 -3.08 11.44
N LYS A 141 8.23 -2.23 11.28
CA LYS A 141 6.88 -2.62 11.68
C LYS A 141 6.23 -3.16 10.42
N GLY A 142 6.41 -4.45 10.19
CA GLY A 142 5.94 -5.09 8.99
C GLY A 142 4.68 -5.90 9.25
N SER A 143 4.22 -6.54 8.19
CA SER A 143 3.12 -7.49 8.27
C SER A 143 3.68 -8.74 7.58
N PHE A 144 4.21 -9.64 8.38
CA PHE A 144 4.87 -10.84 7.89
C PHE A 144 4.36 -12.03 8.70
N LEU A 145 4.04 -13.12 8.00
CA LEU A 145 3.59 -14.37 8.61
C LEU A 145 4.59 -15.50 8.35
N ASN A 146 4.27 -16.69 8.87
CA ASN A 146 5.07 -17.86 8.55
C ASN A 146 5.23 -17.98 7.04
N GLY A 147 6.44 -18.27 6.60
CA GLY A 147 6.74 -18.45 5.20
C GLY A 147 7.10 -17.18 4.46
N SER A 148 7.10 -16.03 5.14
CA SER A 148 7.42 -14.77 4.49
C SER A 148 8.92 -14.50 4.36
N CYS A 149 9.78 -15.29 5.01
CA CYS A 149 11.19 -14.99 4.95
C CYS A 149 11.70 -15.04 3.52
N GLY A 150 12.67 -14.17 3.24
CA GLY A 150 13.13 -13.98 1.89
C GLY A 150 12.39 -12.93 1.12
N SER A 151 11.23 -12.50 1.61
CA SER A 151 10.61 -11.28 1.09
C SER A 151 11.59 -10.11 1.20
N VAL A 152 11.53 -9.19 0.24
CA VAL A 152 12.52 -8.12 0.20
C VAL A 152 11.86 -6.75 0.25
N GLY A 153 12.67 -5.79 0.67
CA GLY A 153 12.31 -4.38 0.66
C GLY A 153 13.18 -3.65 -0.34
N PHE A 154 12.63 -2.59 -0.93
CA PHE A 154 13.29 -1.96 -2.07
C PHE A 154 12.75 -0.57 -2.30
N ASN A 155 13.51 0.21 -3.09
CA ASN A 155 13.10 1.50 -3.61
C ASN A 155 13.39 1.46 -5.10
N ILE A 156 12.69 2.28 -5.88
CA ILE A 156 12.89 2.32 -7.32
C ILE A 156 13.18 3.76 -7.72
N ASP A 157 14.32 3.97 -8.35
CA ASP A 157 14.73 5.28 -8.86
C ASP A 157 15.01 5.14 -10.34
N TYR A 158 14.25 5.87 -11.15
CA TYR A 158 14.29 5.68 -12.60
C TYR A 158 13.80 4.29 -12.89
N ASP A 159 14.60 3.44 -13.53
CA ASP A 159 14.29 2.06 -13.77
C ASP A 159 15.11 1.12 -12.90
N CYS A 160 15.79 1.66 -11.88
CA CYS A 160 16.75 0.90 -11.09
C CYS A 160 16.15 0.54 -9.73
N VAL A 161 16.17 -0.74 -9.42
CA VAL A 161 15.65 -1.25 -8.14
C VAL A 161 16.81 -1.36 -7.16
N SER A 162 16.70 -0.64 -6.06
CA SER A 162 17.68 -0.68 -4.98
C SER A 162 17.09 -1.56 -3.88
N PHE A 163 17.58 -2.78 -3.79
CA PHE A 163 17.20 -3.72 -2.74
C PHE A 163 17.93 -3.35 -1.45
N CYS A 164 17.16 -3.22 -0.37
CA CYS A 164 17.75 -2.81 0.90
C CYS A 164 17.43 -3.74 2.07
N TYR A 165 16.50 -4.69 1.90
CA TYR A 165 16.02 -5.48 3.04
C TYR A 165 15.64 -6.86 2.55
N MET A 166 16.02 -7.88 3.34
CA MET A 166 15.51 -9.24 3.21
C MET A 166 15.00 -9.69 4.58
N HIS A 167 13.84 -10.30 4.60
CA HIS A 167 13.16 -10.59 5.85
C HIS A 167 13.62 -11.90 6.46
N HIS A 168 13.90 -11.88 7.79
CA HIS A 168 14.34 -13.07 8.54
C HIS A 168 13.52 -13.44 9.77
N MET A 169 12.94 -12.49 10.51
CA MET A 169 12.35 -12.89 11.78
C MET A 169 11.35 -11.89 12.32
N GLU A 170 10.57 -12.37 13.29
CA GLU A 170 9.65 -11.56 14.06
C GLU A 170 10.13 -11.56 15.51
N LEU A 171 9.99 -10.42 16.17
CA LEU A 171 10.32 -10.37 17.59
C LEU A 171 9.06 -10.58 18.42
N PRO A 172 9.21 -10.97 19.68
CA PRO A 172 8.01 -11.14 20.53
C PRO A 172 7.06 -9.96 20.55
N THR A 173 7.55 -8.73 20.35
CA THR A 173 6.68 -7.57 20.37
C THR A 173 5.86 -7.43 19.10
N GLY A 174 6.11 -8.26 18.09
CA GLY A 174 5.38 -8.20 16.85
C GLY A 174 6.05 -7.42 15.73
N VAL A 175 7.18 -6.76 16.01
CA VAL A 175 7.93 -6.06 14.97
C VAL A 175 8.88 -7.06 14.34
N HIS A 176 9.64 -6.62 13.35
CA HIS A 176 10.37 -7.52 12.47
C HIS A 176 11.81 -7.09 12.31
N ALA A 177 12.64 -8.08 11.96
CA ALA A 177 14.07 -7.85 11.79
C ALA A 177 14.59 -8.63 10.60
N GLY A 178 15.63 -8.10 10.00
CA GLY A 178 16.19 -8.72 8.82
C GLY A 178 17.48 -8.04 8.44
N THR A 179 17.94 -8.37 7.23
CA THR A 179 19.27 -8.00 6.79
C THR A 179 19.21 -7.15 5.52
N ASP A 180 20.37 -6.59 5.18
CA ASP A 180 20.58 -6.09 3.83
C ASP A 180 20.89 -7.27 2.92
N LEU A 181 21.13 -7.00 1.65
CA LEU A 181 21.32 -8.09 0.69
C LEU A 181 22.76 -8.61 0.71
N GLU A 182 23.63 -8.04 1.53
CA GLU A 182 24.89 -8.66 1.91
C GLU A 182 24.74 -9.60 3.08
N GLY A 183 23.55 -9.73 3.63
CA GLY A 183 23.33 -10.63 4.73
C GLY A 183 23.66 -10.10 6.10
N ASN A 184 23.95 -8.80 6.24
CA ASN A 184 24.15 -8.22 7.58
C ASN A 184 22.86 -7.68 8.17
N PHE A 185 22.56 -8.11 9.41
CA PHE A 185 21.36 -7.61 10.06
C PHE A 185 21.40 -6.10 10.23
N TYR A 186 20.23 -5.52 10.11
CA TYR A 186 19.94 -4.25 10.75
C TYR A 186 19.67 -4.52 12.22
N GLY A 187 20.45 -3.90 13.09
CA GLY A 187 20.25 -4.02 14.51
C GLY A 187 21.00 -5.16 15.14
N PRO A 188 20.83 -5.28 16.45
CA PRO A 188 21.60 -6.25 17.24
C PRO A 188 20.99 -7.64 17.25
N PHE A 189 20.39 -8.06 16.15
CA PHE A 189 19.63 -9.29 16.13
C PHE A 189 20.47 -10.40 15.52
N VAL A 190 20.03 -11.62 15.77
CA VAL A 190 20.73 -12.84 15.34
C VAL A 190 19.71 -13.83 14.79
N ASP A 191 20.07 -14.53 13.72
CA ASP A 191 19.15 -15.51 13.12
C ASP A 191 19.24 -16.84 13.86
N ARG A 192 18.76 -16.82 15.11
CA ARG A 192 18.53 -18.02 15.91
C ARG A 192 17.14 -17.93 16.51
N GLN A 193 16.56 -19.10 16.83
CA GLN A 193 15.18 -19.17 17.31
C GLN A 193 15.18 -18.88 18.81
N THR A 194 15.36 -17.60 19.14
CA THR A 194 15.36 -17.10 20.51
C THR A 194 14.56 -15.82 20.57
N ALA A 195 13.90 -15.58 21.71
CA ALA A 195 13.17 -14.34 21.90
C ALA A 195 14.15 -13.20 22.11
N GLN A 196 14.08 -12.21 21.23
CA GLN A 196 15.01 -11.09 21.22
C GLN A 196 14.25 -9.77 21.36
N ALA A 197 14.77 -8.89 22.21
CA ALA A 197 14.27 -7.54 22.40
C ALA A 197 15.15 -6.55 21.65
N ALA A 198 14.52 -5.46 21.22
CA ALA A 198 15.20 -4.38 20.54
C ALA A 198 15.55 -3.29 21.53
N GLY A 199 16.43 -2.41 21.11
CA GLY A 199 16.68 -1.20 21.89
C GLY A 199 15.42 -0.34 21.93
N THR A 200 15.43 0.62 22.85
CA THR A 200 14.27 1.50 22.97
C THR A 200 14.04 2.23 21.66
N ASP A 201 12.82 2.17 21.17
CA ASP A 201 12.58 2.84 19.92
C ASP A 201 12.37 4.32 20.18
N THR A 202 12.66 5.09 19.16
CA THR A 202 12.44 6.53 19.17
C THR A 202 11.65 6.89 17.93
N THR A 203 11.09 8.09 17.94
CA THR A 203 10.30 8.58 16.83
C THR A 203 11.17 9.37 15.85
N ILE A 204 10.92 9.17 14.55
CA ILE A 204 11.75 9.79 13.50
C ILE A 204 11.23 11.22 13.33
N THR A 205 11.93 12.19 13.94
CA THR A 205 11.43 13.58 14.00
C THR A 205 11.33 14.22 12.62
N VAL A 206 12.35 14.07 11.79
CA VAL A 206 12.30 14.72 10.49
C VAL A 206 11.10 14.24 9.69
N ASN A 207 10.70 12.97 9.88
CA ASN A 207 9.53 12.44 9.20
C ASN A 207 8.23 12.98 9.78
N VAL A 208 8.16 13.15 11.10
CA VAL A 208 6.96 13.77 11.69
C VAL A 208 6.78 15.17 11.12
N LEU A 209 7.89 15.90 10.99
CA LEU A 209 7.77 17.25 10.45
C LEU A 209 7.30 17.21 9.00
N ALA A 210 7.86 16.30 8.20
CA ALA A 210 7.43 16.17 6.82
C ALA A 210 5.93 15.91 6.74
N TRP A 211 5.43 15.07 7.63
CA TRP A 211 4.02 14.72 7.61
C TRP A 211 3.15 15.88 8.05
N LEU A 212 3.61 16.66 9.04
CA LEU A 212 2.90 17.90 9.37
C LEU A 212 2.83 18.84 8.18
N TYR A 213 3.92 18.98 7.42
CA TYR A 213 3.87 19.80 6.21
C TYR A 213 2.88 19.24 5.20
N ALA A 214 2.80 17.92 5.08
CA ALA A 214 1.80 17.32 4.20
C ALA A 214 0.39 17.67 4.67
N ALA A 215 0.15 17.65 5.98
CA ALA A 215 -1.17 18.00 6.50
C ALA A 215 -1.53 19.43 6.12
N VAL A 216 -0.54 20.32 6.13
CA VAL A 216 -0.78 21.71 5.77
C VAL A 216 -1.07 21.83 4.28
N ILE A 217 -0.26 21.17 3.45
CA ILE A 217 -0.49 21.20 2.00
C ILE A 217 -1.90 20.76 1.66
N ASN A 218 -2.44 19.77 2.38
CA ASN A 218 -3.82 19.34 2.20
C ASN A 218 -4.79 20.13 3.08
N GLY A 219 -4.44 21.37 3.43
CA GLY A 219 -5.39 22.30 4.02
C GLY A 219 -5.70 22.11 5.49
N ASP A 220 -4.87 21.38 6.22
CA ASP A 220 -5.09 21.08 7.63
C ASP A 220 -4.02 21.81 8.46
N ARG A 221 -4.45 22.77 9.30
CA ARG A 221 -3.51 23.61 10.01
C ARG A 221 -3.86 23.87 11.48
N TRP A 222 -4.76 23.10 12.09
CA TRP A 222 -5.20 23.44 13.43
C TRP A 222 -4.04 23.45 14.42
N PHE A 223 -2.97 22.69 14.15
CA PHE A 223 -1.88 22.49 15.09
C PHE A 223 -0.78 23.55 14.99
N LEU A 224 -0.81 24.41 13.98
CA LEU A 224 0.17 25.48 13.84
C LEU A 224 0.03 26.52 14.94
N ASN A 225 1.11 27.28 15.16
CA ASN A 225 1.10 28.35 16.15
C ASN A 225 2.01 29.47 15.69
N ARG A 226 1.97 30.58 16.42
CA ARG A 226 2.77 31.76 16.08
C ARG A 226 4.12 31.76 16.79
N PHE A 227 4.42 30.73 17.56
CA PHE A 227 5.67 30.64 18.30
C PHE A 227 6.80 30.15 17.39
N THR A 228 8.02 30.26 17.91
CA THR A 228 9.19 29.71 17.24
C THR A 228 10.11 29.13 18.31
N THR A 229 11.22 28.57 17.86
CA THR A 229 12.12 27.85 18.74
C THR A 229 13.47 27.80 18.06
N THR A 230 14.52 27.73 18.86
CA THR A 230 15.81 27.43 18.29
C THR A 230 15.93 25.93 18.04
N LEU A 231 16.88 25.58 17.19
CA LEU A 231 17.10 24.18 16.90
C LEU A 231 17.48 23.41 18.15
N ASN A 232 18.38 23.97 18.97
CA ASN A 232 18.81 23.21 20.12
C ASN A 232 17.71 23.10 21.16
N ASP A 233 16.94 24.17 21.37
CA ASP A 233 15.84 24.10 22.35
C ASP A 233 14.78 23.11 21.91
N PHE A 234 14.50 23.06 20.60
CA PHE A 234 13.60 22.01 20.11
C PHE A 234 14.17 20.63 20.40
N ASN A 235 15.46 20.42 20.14
CA ASN A 235 16.06 19.11 20.31
C ASN A 235 16.06 18.67 21.77
N LEU A 236 16.19 19.62 22.69
CA LEU A 236 16.10 19.26 24.11
C LEU A 236 14.75 18.64 24.42
N VAL A 237 13.67 19.27 23.93
CA VAL A 237 12.32 18.76 24.15
C VAL A 237 12.13 17.45 23.40
N ALA A 238 12.60 17.37 22.15
CA ALA A 238 12.47 16.14 21.37
C ALA A 238 13.06 14.96 22.11
N MET A 239 14.29 15.11 22.62
CA MET A 239 14.95 14.00 23.28
C MET A 239 14.22 13.59 24.55
N LYS A 240 13.64 14.57 25.26
CA LYS A 240 12.88 14.24 26.46
C LYS A 240 11.72 13.30 26.14
N TYR A 241 11.12 13.45 24.96
CA TYR A 241 9.97 12.67 24.52
C TYR A 241 10.36 11.49 23.63
N ASN A 242 11.64 11.10 23.65
CA ASN A 242 12.15 9.98 22.86
C ASN A 242 11.89 10.17 21.36
N TYR A 243 12.07 11.41 20.91
CA TYR A 243 12.19 11.74 19.50
C TYR A 243 13.66 11.87 19.15
N GLU A 244 14.01 11.47 17.92
CA GLU A 244 15.37 11.62 17.44
C GLU A 244 15.74 13.10 17.32
N PRO A 245 16.99 13.45 17.50
CA PRO A 245 17.39 14.85 17.28
C PRO A 245 17.27 15.23 15.81
N LEU A 246 17.01 16.51 15.59
CA LEU A 246 16.92 17.10 14.25
C LEU A 246 18.26 17.74 13.95
N THR A 247 18.91 17.31 12.86
CA THR A 247 20.16 17.89 12.42
C THR A 247 19.93 19.05 11.45
N GLN A 248 21.00 19.79 11.17
CA GLN A 248 20.90 20.85 10.18
C GLN A 248 20.66 20.28 8.78
N ASP A 249 21.18 19.10 8.48
CA ASP A 249 20.84 18.49 7.19
C ASP A 249 19.35 18.19 7.11
N HIS A 250 18.74 17.74 8.22
CA HIS A 250 17.30 17.53 8.23
C HIS A 250 16.56 18.84 7.93
N VAL A 251 16.97 19.92 8.58
CA VAL A 251 16.36 21.22 8.30
C VAL A 251 16.50 21.54 6.81
N ASP A 252 17.69 21.33 6.26
CA ASP A 252 17.92 21.62 4.85
C ASP A 252 17.05 20.75 3.97
N ILE A 253 16.95 19.46 4.30
CA ILE A 253 16.13 18.53 3.53
C ILE A 253 14.67 18.95 3.54
N LEU A 254 14.22 19.63 4.59
CA LEU A 254 12.85 20.07 4.69
C LEU A 254 12.59 21.40 3.97
N GLY A 255 13.62 22.00 3.38
CA GLY A 255 13.50 23.31 2.77
C GLY A 255 12.36 23.40 1.76
N PRO A 256 12.35 22.49 0.78
CA PRO A 256 11.31 22.54 -0.25
C PRO A 256 9.90 22.57 0.33
N LEU A 257 9.63 21.73 1.34
CA LEU A 257 8.33 21.77 1.97
C LEU A 257 8.11 23.08 2.72
N SER A 258 9.16 23.61 3.34
CA SER A 258 9.04 24.91 3.99
C SER A 258 8.70 26.00 2.98
N ALA A 259 9.48 26.06 1.90
CA ALA A 259 9.20 27.03 0.83
C ALA A 259 7.79 26.85 0.30
N GLN A 260 7.43 25.62 -0.08
CA GLN A 260 6.13 25.38 -0.68
C GLN A 260 5.00 25.94 0.16
N THR A 261 5.12 25.87 1.49
CA THR A 261 4.05 26.25 2.39
C THR A 261 4.26 27.59 3.07
N GLY A 262 5.45 28.19 2.94
CA GLY A 262 5.75 29.41 3.66
C GLY A 262 5.88 29.25 5.16
N ILE A 263 6.17 28.05 5.65
CA ILE A 263 6.33 27.81 7.08
C ILE A 263 7.78 27.43 7.32
N ALA A 264 8.49 28.28 8.06
CA ALA A 264 9.88 28.00 8.36
C ALA A 264 9.98 26.71 9.14
N VAL A 265 11.04 25.96 8.88
CA VAL A 265 11.25 24.67 9.53
C VAL A 265 11.13 24.81 11.04
N LEU A 266 11.80 25.81 11.61
CA LEU A 266 11.77 25.98 13.07
C LEU A 266 10.41 26.41 13.59
N ASP A 267 9.58 27.06 12.76
CA ASP A 267 8.20 27.31 13.13
C ASP A 267 7.41 26.00 13.21
N MET A 268 7.65 25.08 12.27
CA MET A 268 7.01 23.77 12.38
C MET A 268 7.54 22.99 13.58
N CYS A 269 8.82 23.17 13.91
CA CYS A 269 9.35 22.57 15.12
C CYS A 269 8.62 23.07 16.37
N ALA A 270 8.26 24.36 16.37
CA ALA A 270 7.52 24.93 17.50
C ALA A 270 6.11 24.34 17.58
N SER A 271 5.48 24.10 16.42
CA SER A 271 4.19 23.41 16.42
C SER A 271 4.32 22.01 16.98
N LEU A 272 5.33 21.26 16.52
CA LEU A 272 5.52 19.91 17.02
C LEU A 272 5.80 19.91 18.51
N LYS A 273 6.62 20.84 18.99
CA LYS A 273 6.85 20.96 20.42
C LYS A 273 5.53 21.10 21.17
N GLU A 274 4.64 21.97 20.68
CA GLU A 274 3.34 22.17 21.32
C GLU A 274 2.52 20.89 21.31
N LEU A 275 2.58 20.13 20.22
CA LEU A 275 1.88 18.85 20.16
C LEU A 275 2.49 17.84 21.14
N LEU A 276 3.82 17.82 21.30
CA LEU A 276 4.41 16.86 22.22
C LEU A 276 4.03 17.16 23.66
N GLN A 277 3.92 18.44 24.02
CA GLN A 277 3.71 18.79 25.42
C GLN A 277 2.25 18.71 25.83
N ASN A 278 1.33 18.94 24.89
CA ASN A 278 -0.09 18.98 25.18
C ASN A 278 -0.89 17.84 24.56
N GLY A 279 -0.31 17.06 23.65
CA GLY A 279 -1.07 16.07 22.95
C GLY A 279 -1.97 16.74 21.91
N MET A 280 -2.84 15.93 21.33
CA MET A 280 -3.72 16.39 20.26
C MET A 280 -5.11 16.77 20.75
N ASN A 281 -5.38 16.63 22.05
CA ASN A 281 -6.64 17.09 22.66
C ASN A 281 -7.85 16.63 21.84
N GLY A 282 -7.81 15.37 21.40
CA GLY A 282 -8.90 14.77 20.67
C GLY A 282 -8.84 14.97 19.17
N ARG A 283 -8.16 16.00 18.69
CA ARG A 283 -8.12 16.27 17.27
C ARG A 283 -7.34 15.19 16.52
N THR A 284 -7.36 15.28 15.20
CA THR A 284 -6.66 14.33 14.34
C THR A 284 -5.96 15.11 13.23
N ILE A 285 -4.89 14.53 12.71
CA ILE A 285 -4.12 15.12 11.63
C ILE A 285 -4.06 14.09 10.52
N LEU A 286 -4.55 14.47 9.33
CA LEU A 286 -4.57 13.58 8.17
C LEU A 286 -5.22 12.25 8.53
N GLY A 287 -6.24 12.31 9.39
CA GLY A 287 -7.00 11.14 9.78
C GLY A 287 -6.49 10.43 11.02
N SER A 288 -5.28 10.72 11.47
CA SER A 288 -4.63 9.94 12.51
C SER A 288 -4.76 10.59 13.88
N ALA A 289 -4.96 9.76 14.90
CA ALA A 289 -4.89 10.20 16.29
C ALA A 289 -3.49 10.21 16.86
N LEU A 290 -2.49 9.91 16.03
CA LEU A 290 -1.10 9.81 16.48
C LEU A 290 -0.22 10.50 15.46
N LEU A 291 0.94 10.98 15.91
CA LEU A 291 1.88 11.60 15.00
C LEU A 291 2.58 10.51 14.20
N GLU A 292 2.49 10.61 12.88
CA GLU A 292 3.01 9.61 11.95
C GLU A 292 4.45 9.93 11.59
N ASP A 293 5.34 8.91 11.64
CA ASP A 293 6.75 9.16 11.38
C ASP A 293 7.37 8.22 10.33
N GLU A 294 6.55 7.65 9.42
CA GLU A 294 7.09 6.79 8.36
C GLU A 294 6.86 7.35 6.96
N PHE A 295 6.74 8.69 6.86
CA PHE A 295 6.87 9.42 5.62
C PHE A 295 8.11 10.30 5.68
N THR A 296 9.03 10.11 4.76
CA THR A 296 10.20 10.97 4.64
C THR A 296 9.83 12.27 3.93
N PRO A 297 10.70 13.28 4.00
CA PRO A 297 10.45 14.50 3.20
C PRO A 297 10.32 14.21 1.71
N PHE A 298 11.13 13.29 1.19
CA PHE A 298 11.03 12.92 -0.22
C PHE A 298 9.69 12.24 -0.51
N ASP A 299 9.28 11.32 0.35
CA ASP A 299 7.98 10.67 0.19
C ASP A 299 6.87 11.69 0.09
N VAL A 300 6.90 12.70 0.97
CA VAL A 300 5.86 13.74 0.97
C VAL A 300 5.93 14.55 -0.30
N VAL A 301 7.13 14.94 -0.72
CA VAL A 301 7.27 15.77 -1.90
C VAL A 301 6.81 15.03 -3.14
N ARG A 302 7.37 13.84 -3.36
CA ARG A 302 7.02 13.07 -4.56
C ARG A 302 5.52 13.01 -4.77
N GLN A 303 4.75 13.02 -3.69
CA GLN A 303 3.31 12.83 -3.75
C GLN A 303 2.54 14.14 -3.64
N CYS A 304 3.21 15.26 -3.36
CA CYS A 304 2.55 16.55 -3.27
C CYS A 304 3.18 17.54 -4.27
N PHE B 7 -2.07 -3.78 12.05
CA PHE B 7 -2.72 -3.76 10.75
C PHE B 7 -2.32 -2.54 9.95
N ARG B 8 -1.88 -2.76 8.72
CA ARG B 8 -1.54 -1.68 7.79
C ARG B 8 -2.30 -1.88 6.49
N LYS B 9 -2.51 -0.76 5.79
CA LYS B 9 -3.03 -0.84 4.43
C LYS B 9 -2.00 -1.57 3.56
N MET B 10 -2.45 -2.67 2.96
CA MET B 10 -1.61 -3.50 2.10
C MET B 10 -2.24 -3.59 0.72
N ALA B 11 -1.52 -3.12 -0.29
CA ALA B 11 -1.97 -3.21 -1.68
C ALA B 11 -1.70 -4.60 -2.26
N PHE B 12 -2.43 -4.91 -3.33
CA PHE B 12 -2.07 -6.09 -4.12
C PHE B 12 -0.79 -5.82 -4.90
N PRO B 13 0.01 -6.86 -5.16
CA PRO B 13 1.14 -6.70 -6.08
C PRO B 13 0.62 -6.16 -7.41
N SER B 14 1.32 -5.17 -7.94
CA SER B 14 0.83 -4.39 -9.07
C SER B 14 1.34 -4.85 -10.42
N GLY B 15 2.21 -5.85 -10.48
CA GLY B 15 2.86 -6.15 -11.75
C GLY B 15 1.90 -6.50 -12.88
N LYS B 16 0.87 -7.29 -12.60
CA LYS B 16 -0.04 -7.70 -13.66
C LYS B 16 -0.74 -6.48 -14.25
N VAL B 17 -0.94 -5.43 -13.45
CA VAL B 17 -1.58 -4.20 -13.96
C VAL B 17 -0.55 -3.30 -14.62
N GLU B 18 0.66 -3.20 -14.06
CA GLU B 18 1.72 -2.43 -14.69
C GLU B 18 1.89 -2.81 -16.15
N GLY B 19 1.79 -4.10 -16.45
CA GLY B 19 1.93 -4.65 -17.81
C GLY B 19 0.82 -4.28 -18.77
N CYS B 20 -0.19 -3.56 -18.27
CA CYS B 20 -1.33 -3.15 -19.08
C CYS B 20 -1.43 -1.65 -19.23
N MET B 21 -0.55 -0.88 -18.60
CA MET B 21 -0.70 0.58 -18.65
C MET B 21 -0.06 1.14 -19.92
N VAL B 22 -0.80 2.02 -20.58
CA VAL B 22 -0.33 2.77 -21.74
C VAL B 22 -0.72 4.24 -21.57
N GLN B 23 -0.22 5.08 -22.46
CA GLN B 23 -0.68 6.47 -22.51
C GLN B 23 -1.48 6.70 -23.78
N VAL B 24 -2.48 7.59 -23.65
CA VAL B 24 -3.37 7.99 -24.74
C VAL B 24 -3.35 9.50 -24.83
N THR B 25 -3.07 10.01 -26.01
CA THR B 25 -3.03 11.46 -26.25
C THR B 25 -3.92 11.80 -27.43
N CYS B 26 -4.62 12.91 -27.26
CA CYS B 26 -5.38 13.54 -28.35
C CYS B 26 -4.96 15.01 -28.29
N GLY B 27 -4.31 15.53 -29.34
CA GLY B 27 -3.76 16.88 -29.31
C GLY B 27 -2.64 16.97 -28.31
N THR B 28 -2.85 17.77 -27.26
CA THR B 28 -1.91 17.90 -26.16
C THR B 28 -2.45 17.30 -24.86
N THR B 29 -3.64 16.72 -24.90
CA THR B 29 -4.26 16.12 -23.72
C THR B 29 -3.79 14.66 -23.62
N THR B 30 -3.04 14.35 -22.58
CA THR B 30 -2.54 13.00 -22.37
C THR B 30 -3.08 12.46 -21.05
N LEU B 31 -3.53 11.22 -21.07
CA LEU B 31 -3.83 10.51 -19.85
C LEU B 31 -3.43 9.06 -20.04
N ASN B 32 -3.79 8.22 -19.08
CA ASN B 32 -3.42 6.82 -19.09
C ASN B 32 -4.56 5.98 -19.65
N GLY B 33 -4.19 4.84 -20.22
CA GLY B 33 -5.16 3.86 -20.67
C GLY B 33 -4.76 2.45 -20.23
N LEU B 34 -5.72 1.55 -20.34
CA LEU B 34 -5.60 0.17 -19.91
C LEU B 34 -5.71 -0.72 -21.14
N TRP B 35 -4.64 -1.48 -21.43
CA TRP B 35 -4.50 -2.26 -22.66
C TRP B 35 -4.68 -3.74 -22.30
N LEU B 36 -5.81 -4.32 -22.75
CA LEU B 36 -6.16 -5.71 -22.47
C LEU B 36 -6.56 -6.35 -23.78
N ASP B 37 -5.89 -7.44 -24.14
CA ASP B 37 -6.08 -8.04 -25.46
C ASP B 37 -5.83 -6.92 -26.49
N ASP B 38 -6.71 -6.70 -27.45
CA ASP B 38 -6.47 -5.68 -28.45
C ASP B 38 -7.35 -4.44 -28.27
N VAL B 39 -7.70 -4.10 -27.03
CA VAL B 39 -8.49 -2.92 -26.74
C VAL B 39 -7.78 -2.10 -25.66
N VAL B 40 -7.78 -0.79 -25.85
CA VAL B 40 -7.32 0.17 -24.85
C VAL B 40 -8.53 0.94 -24.32
N TYR B 41 -8.67 0.96 -23.00
CA TYR B 41 -9.76 1.64 -22.30
C TYR B 41 -9.23 2.91 -21.65
N CYS B 42 -9.93 4.03 -21.79
CA CYS B 42 -9.46 5.25 -21.14
C CYS B 42 -10.64 6.19 -20.92
N PRO B 43 -10.46 7.22 -20.12
CA PRO B 43 -11.53 8.21 -19.93
C PRO B 43 -11.81 8.94 -21.24
N ARG B 44 -13.08 9.16 -21.51
CA ARG B 44 -13.44 9.83 -22.77
C ARG B 44 -13.03 11.29 -22.81
N HIS B 45 -12.78 11.94 -21.65
CA HIS B 45 -12.40 13.34 -21.74
C HIS B 45 -11.01 13.57 -22.33
N VAL B 46 -10.31 12.51 -22.74
CA VAL B 46 -9.08 12.72 -23.50
C VAL B 46 -9.36 13.46 -24.81
N ILE B 47 -10.60 13.43 -25.29
CA ILE B 47 -10.89 14.09 -26.58
C ILE B 47 -11.21 15.56 -26.40
N CYS B 48 -11.10 16.02 -25.17
CA CYS B 48 -11.49 17.41 -24.90
C CYS B 48 -10.32 18.38 -24.80
N THR B 49 -10.40 19.49 -25.53
CA THR B 49 -9.53 20.61 -25.23
C THR B 49 -9.82 21.09 -23.81
N SER B 50 -8.82 21.70 -23.18
CA SER B 50 -9.05 22.27 -21.85
C SER B 50 -10.26 23.18 -21.84
N GLU B 51 -10.48 23.92 -22.93
CA GLU B 51 -11.63 24.82 -23.01
C GLU B 51 -12.93 24.04 -23.13
N ASP B 52 -12.92 22.87 -23.76
CA ASP B 52 -14.16 22.11 -23.92
C ASP B 52 -14.54 21.32 -22.67
N MET B 53 -13.60 21.11 -21.76
CA MET B 53 -13.95 20.41 -20.52
C MET B 53 -14.97 21.20 -19.71
N LEU B 54 -15.02 22.52 -19.90
CA LEU B 54 -15.96 23.32 -19.14
C LEU B 54 -17.41 22.93 -19.42
N ASN B 55 -17.70 22.44 -20.62
CA ASN B 55 -19.07 22.15 -21.02
C ASN B 55 -19.04 21.26 -22.26
N PRO B 56 -18.54 20.03 -22.14
CA PRO B 56 -18.26 19.22 -23.34
C PRO B 56 -19.51 18.57 -23.88
N ASN B 57 -19.60 18.52 -25.21
CA ASN B 57 -20.59 17.70 -25.91
C ASN B 57 -19.82 16.52 -26.49
N TYR B 58 -19.87 15.38 -25.78
CA TYR B 58 -18.96 14.27 -26.09
C TYR B 58 -19.31 13.60 -27.42
N GLU B 59 -20.58 13.35 -27.67
CA GLU B 59 -20.96 12.76 -28.95
C GLU B 59 -20.50 13.64 -30.11
N ASP B 60 -20.67 14.96 -29.98
CA ASP B 60 -20.24 15.87 -31.03
C ASP B 60 -18.71 15.87 -31.18
N LEU B 61 -17.99 15.88 -30.06
CA LEU B 61 -16.54 15.89 -30.14
C LEU B 61 -16.03 14.60 -30.77
N LEU B 62 -16.70 13.48 -30.50
CA LEU B 62 -16.20 12.20 -30.97
C LEU B 62 -16.44 12.05 -32.46
N ILE B 63 -17.59 12.52 -32.95
CA ILE B 63 -17.92 12.40 -34.36
C ILE B 63 -16.85 13.06 -35.23
N ARG B 64 -16.17 14.05 -34.69
CA ARG B 64 -15.13 14.77 -35.39
C ARG B 64 -13.77 14.07 -35.28
N LYS B 65 -13.68 12.99 -34.53
CA LYS B 65 -12.44 12.25 -34.37
C LYS B 65 -12.41 11.02 -35.24
N SER B 66 -11.21 10.69 -35.69
CA SER B 66 -10.93 9.47 -36.44
C SER B 66 -9.88 8.67 -35.71
N ASN B 67 -9.71 7.42 -36.14
CA ASN B 67 -8.70 6.56 -35.53
C ASN B 67 -7.33 7.24 -35.53
N HIS B 68 -7.00 7.96 -36.60
CA HIS B 68 -5.67 8.55 -36.71
C HIS B 68 -5.49 9.80 -35.87
N ASN B 69 -6.49 10.24 -35.11
CA ASN B 69 -6.31 11.33 -34.16
C ASN B 69 -5.85 10.86 -32.76
N PHE B 70 -5.78 9.56 -32.53
CA PHE B 70 -5.45 9.03 -31.20
C PHE B 70 -4.02 8.48 -31.21
N LEU B 71 -3.19 9.00 -30.30
CA LEU B 71 -1.83 8.52 -30.12
C LEU B 71 -1.82 7.63 -28.88
N VAL B 72 -1.65 6.34 -29.10
CA VAL B 72 -1.56 5.35 -28.02
C VAL B 72 -0.11 4.87 -28.00
N GLN B 73 0.51 4.89 -26.82
CA GLN B 73 1.90 4.50 -26.71
C GLN B 73 2.08 3.63 -25.49
N ALA B 74 2.81 2.54 -25.67
CA ALA B 74 3.34 1.75 -24.56
C ALA B 74 4.80 2.15 -24.41
N GLY B 75 5.11 2.86 -23.34
CA GLY B 75 6.37 3.57 -23.32
C GLY B 75 6.38 4.56 -24.46
N ASN B 76 7.45 4.56 -25.25
CA ASN B 76 7.51 5.41 -26.43
C ASN B 76 7.14 4.68 -27.71
N VAL B 77 6.58 3.47 -27.61
CA VAL B 77 6.27 2.65 -28.77
C VAL B 77 4.80 2.87 -29.11
N GLN B 78 4.53 3.38 -30.31
CA GLN B 78 3.16 3.63 -30.72
C GLN B 78 2.42 2.34 -31.05
N LEU B 79 1.17 2.27 -30.58
CA LEU B 79 0.20 1.23 -30.90
C LEU B 79 -0.84 1.79 -31.86
N ARG B 80 -0.96 1.20 -33.05
CA ARG B 80 -1.88 1.75 -34.04
C ARG B 80 -3.34 1.46 -33.67
N VAL B 81 -4.15 2.52 -33.71
CA VAL B 81 -5.58 2.43 -33.43
C VAL B 81 -6.33 2.10 -34.71
N ILE B 82 -7.19 1.06 -34.65
CA ILE B 82 -7.93 0.59 -35.80
C ILE B 82 -9.45 0.65 -35.60
N GLY B 83 -9.91 1.20 -34.48
CA GLY B 83 -11.35 1.31 -34.22
C GLY B 83 -11.54 2.14 -32.97
N HIS B 84 -12.69 2.80 -32.82
CA HIS B 84 -12.94 3.57 -31.61
C HIS B 84 -14.42 3.59 -31.35
N SER B 85 -14.78 3.56 -30.07
CA SER B 85 -16.17 3.69 -29.68
C SER B 85 -16.22 4.19 -28.25
N MET B 86 -17.37 4.76 -27.90
CA MET B 86 -17.59 5.33 -26.59
C MET B 86 -18.65 4.50 -25.88
N GLN B 87 -18.33 4.08 -24.67
CA GLN B 87 -19.24 3.35 -23.80
C GLN B 87 -19.37 4.16 -22.52
N ASN B 88 -20.52 4.81 -22.33
CA ASN B 88 -20.71 5.72 -21.20
C ASN B 88 -19.56 6.72 -21.13
N CYS B 89 -18.81 6.78 -20.04
CA CYS B 89 -17.75 7.76 -19.93
C CYS B 89 -16.35 7.21 -20.27
N VAL B 90 -16.27 6.06 -20.93
CA VAL B 90 -14.98 5.52 -21.34
CA VAL B 90 -15.00 5.44 -21.32
C VAL B 90 -14.93 5.37 -22.85
N LEU B 91 -13.74 5.55 -23.37
CA LEU B 91 -13.41 5.34 -24.76
C LEU B 91 -12.75 3.98 -24.89
N LYS B 92 -13.16 3.21 -25.89
CA LYS B 92 -12.56 1.93 -26.22
C LYS B 92 -11.87 2.09 -27.56
N LEU B 93 -10.57 1.90 -27.58
CA LEU B 93 -9.77 2.05 -28.78
C LEU B 93 -9.27 0.68 -29.16
N LYS B 94 -9.75 0.15 -30.29
CA LYS B 94 -9.21 -1.09 -30.80
C LYS B 94 -7.85 -0.81 -31.41
N VAL B 95 -6.88 -1.64 -31.09
CA VAL B 95 -5.51 -1.49 -31.57
C VAL B 95 -5.13 -2.74 -32.34
N ASP B 96 -4.04 -2.65 -33.09
CA ASP B 96 -3.72 -3.75 -33.98
C ASP B 96 -2.82 -4.80 -33.36
N THR B 97 -2.53 -4.70 -32.05
CA THR B 97 -1.65 -5.63 -31.34
C THR B 97 -2.34 -6.08 -30.06
N ALA B 98 -2.40 -7.40 -29.84
CA ALA B 98 -2.92 -7.92 -28.58
C ALA B 98 -1.83 -7.86 -27.53
N ASN B 99 -2.17 -7.32 -26.36
CA ASN B 99 -1.15 -7.15 -25.32
C ASN B 99 -0.65 -8.51 -24.85
N PRO B 100 0.62 -8.85 -25.05
CA PRO B 100 1.10 -10.16 -24.61
C PRO B 100 1.15 -10.29 -23.11
N LYS B 101 1.06 -9.18 -22.37
CA LYS B 101 1.04 -9.24 -20.90
C LYS B 101 -0.37 -9.22 -20.33
N THR B 102 -1.39 -9.41 -21.17
CA THR B 102 -2.76 -9.40 -20.67
C THR B 102 -2.93 -10.49 -19.61
N PRO B 103 -3.36 -10.16 -18.40
CA PRO B 103 -3.63 -11.20 -17.42
C PRO B 103 -5.02 -11.78 -17.62
N LYS B 104 -5.30 -12.85 -16.88
CA LYS B 104 -6.70 -13.21 -16.71
C LYS B 104 -7.38 -12.05 -16.00
N TYR B 105 -8.53 -11.62 -16.49
CA TYR B 105 -9.16 -10.44 -15.91
C TYR B 105 -10.68 -10.48 -16.01
N LYS B 106 -11.32 -9.64 -15.19
CA LYS B 106 -12.71 -9.34 -15.36
C LYS B 106 -12.94 -7.89 -14.95
N PHE B 107 -14.09 -7.36 -15.36
CA PHE B 107 -14.55 -6.02 -15.01
C PHE B 107 -15.65 -6.19 -13.95
N VAL B 108 -15.48 -5.56 -12.79
CA VAL B 108 -16.48 -5.67 -11.72
C VAL B 108 -16.86 -4.28 -11.23
N ARG B 109 -18.09 -4.17 -10.75
CA ARG B 109 -18.57 -2.93 -10.16
C ARG B 109 -18.65 -3.15 -8.67
N ILE B 110 -17.91 -2.38 -7.90
CA ILE B 110 -17.81 -2.68 -6.47
C ILE B 110 -18.86 -1.87 -5.73
N GLN B 111 -19.07 -2.22 -4.47
CA GLN B 111 -20.01 -1.53 -3.61
C GLN B 111 -19.26 -0.59 -2.66
N PRO B 112 -19.90 0.44 -2.16
CA PRO B 112 -19.26 1.26 -1.12
C PRO B 112 -18.82 0.38 0.03
N GLY B 113 -17.68 0.73 0.63
CA GLY B 113 -17.06 -0.03 1.67
C GLY B 113 -15.99 -0.95 1.17
N GLN B 114 -16.10 -1.42 -0.08
CA GLN B 114 -15.09 -2.32 -0.62
C GLN B 114 -13.79 -1.56 -0.88
N THR B 115 -12.69 -2.28 -0.70
CA THR B 115 -11.36 -1.72 -0.90
C THR B 115 -10.79 -2.27 -2.20
N PHE B 116 -9.79 -1.57 -2.69
CA PHE B 116 -9.10 -1.94 -3.92
C PHE B 116 -7.78 -1.22 -3.92
N SER B 117 -6.85 -1.75 -4.73
CA SER B 117 -5.55 -1.14 -4.94
C SER B 117 -5.61 -0.21 -6.13
N VAL B 118 -4.97 0.95 -6.00
CA VAL B 118 -4.84 1.92 -7.09
C VAL B 118 -3.40 1.94 -7.55
N LEU B 119 -3.18 1.77 -8.85
CA LEU B 119 -1.85 1.96 -9.42
C LEU B 119 -1.83 3.36 -10.02
N ALA B 120 -1.26 4.31 -9.29
CA ALA B 120 -1.22 5.70 -9.77
C ALA B 120 -0.20 5.80 -10.89
N CYS B 121 -0.64 6.34 -12.04
CA CYS B 121 0.20 6.40 -13.23
C CYS B 121 0.20 7.81 -13.82
N TYR B 122 1.32 8.13 -14.47
CA TYR B 122 1.48 9.40 -15.18
C TYR B 122 2.19 9.11 -16.49
N ASN B 123 1.60 9.56 -17.60
CA ASN B 123 2.17 9.33 -18.93
C ASN B 123 2.38 7.86 -19.21
N GLY B 124 1.46 7.02 -18.72
CA GLY B 124 1.55 5.60 -18.91
C GLY B 124 2.56 4.91 -18.05
N SER B 125 3.21 5.63 -17.13
CA SER B 125 4.27 5.09 -16.29
C SER B 125 3.79 4.98 -14.86
N PRO B 126 3.81 3.79 -14.28
CA PRO B 126 3.37 3.62 -12.88
C PRO B 126 4.28 4.34 -11.91
N SER B 127 3.69 5.08 -10.97
CA SER B 127 4.44 5.78 -9.94
C SER B 127 4.30 5.18 -8.56
N GLY B 128 3.14 4.63 -8.21
CA GLY B 128 2.95 4.09 -6.87
C GLY B 128 1.68 3.30 -6.78
N VAL B 129 1.60 2.45 -5.73
CA VAL B 129 0.43 1.63 -5.49
CA VAL B 129 0.43 1.62 -5.49
C VAL B 129 -0.03 1.82 -4.06
N TYR B 130 -1.34 1.96 -3.87
CA TYR B 130 -1.87 2.15 -2.53
C TYR B 130 -3.30 1.62 -2.46
N GLN B 131 -3.73 1.34 -1.23
CA GLN B 131 -5.02 0.77 -0.98
C GLN B 131 -6.03 1.89 -0.73
N CYS B 132 -7.20 1.79 -1.34
CA CYS B 132 -8.29 2.76 -1.24
C CYS B 132 -9.54 2.05 -0.78
N ALA B 133 -10.40 2.78 -0.09
CA ALA B 133 -11.76 2.30 0.17
C ALA B 133 -12.75 3.18 -0.57
N MET B 134 -13.75 2.56 -1.18
CA MET B 134 -14.85 3.32 -1.76
C MET B 134 -15.73 3.80 -0.61
N ARG B 135 -15.88 5.12 -0.47
CA ARG B 135 -16.69 5.67 0.62
C ARG B 135 -18.18 5.48 0.32
N PRO B 136 -19.04 5.54 1.35
CA PRO B 136 -20.47 5.42 1.09
C PRO B 136 -21.03 6.51 0.19
N ASN B 137 -20.39 7.67 0.11
CA ASN B 137 -20.78 8.74 -0.82
C ASN B 137 -20.09 8.59 -2.18
N PHE B 138 -19.44 7.45 -2.44
CA PHE B 138 -18.91 7.11 -3.76
C PHE B 138 -17.76 8.00 -4.19
N THR B 139 -16.98 8.47 -3.25
CA THR B 139 -15.69 9.08 -3.49
C THR B 139 -14.63 8.16 -2.90
N ILE B 140 -13.38 8.39 -3.31
CA ILE B 140 -12.23 7.74 -2.70
C ILE B 140 -11.26 8.84 -2.30
N LYS B 141 -10.50 8.57 -1.24
CA LYS B 141 -9.49 9.51 -0.76
C LYS B 141 -8.17 9.09 -1.41
N GLY B 142 -8.05 9.45 -2.68
CA GLY B 142 -6.90 9.09 -3.47
C GLY B 142 -5.74 10.04 -3.25
N SER B 143 -4.66 9.72 -3.94
CA SER B 143 -3.50 10.60 -4.07
C SER B 143 -3.29 10.67 -5.58
N PHE B 144 -3.87 11.69 -6.20
CA PHE B 144 -3.88 11.83 -7.65
C PHE B 144 -3.49 13.25 -8.03
N LEU B 145 -2.57 13.37 -8.98
CA LEU B 145 -2.15 14.66 -9.49
C LEU B 145 -2.62 14.80 -10.94
N ASN B 146 -2.42 15.97 -11.51
CA ASN B 146 -2.73 16.14 -12.93
C ASN B 146 -2.03 15.05 -13.73
N GLY B 147 -2.73 14.52 -14.74
CA GLY B 147 -2.19 13.46 -15.56
C GLY B 147 -2.49 12.07 -15.06
N SER B 148 -3.13 11.93 -13.89
CA SER B 148 -3.42 10.63 -13.31
C SER B 148 -4.65 9.95 -13.88
N CYS B 149 -5.48 10.67 -14.65
CA CYS B 149 -6.70 10.06 -15.16
C CYS B 149 -6.39 8.83 -15.98
N GLY B 150 -7.27 7.84 -15.88
CA GLY B 150 -7.05 6.57 -16.50
C GLY B 150 -6.31 5.58 -15.65
N SER B 151 -5.70 6.01 -14.54
CA SER B 151 -5.21 5.06 -13.54
C SER B 151 -6.37 4.21 -13.06
N VAL B 152 -6.09 2.95 -12.71
CA VAL B 152 -7.16 2.02 -12.39
C VAL B 152 -7.00 1.46 -10.98
N GLY B 153 -8.14 1.05 -10.44
CA GLY B 153 -8.20 0.31 -9.20
C GLY B 153 -8.59 -1.13 -9.47
N PHE B 154 -8.07 -2.04 -8.63
CA PHE B 154 -8.21 -3.46 -8.92
C PHE B 154 -8.07 -4.28 -7.63
N ASN B 155 -8.61 -5.48 -7.69
CA ASN B 155 -8.36 -6.56 -6.74
C ASN B 155 -7.82 -7.76 -7.53
N ILE B 156 -7.04 -8.62 -6.86
CA ILE B 156 -6.51 -9.83 -7.49
C ILE B 156 -6.95 -11.02 -6.66
N ASP B 157 -7.63 -11.97 -7.32
CA ASP B 157 -8.09 -13.20 -6.69
C ASP B 157 -7.46 -14.35 -7.46
N TYR B 158 -6.55 -15.06 -6.82
CA TYR B 158 -5.85 -16.17 -7.49
C TYR B 158 -5.18 -15.64 -8.73
N ASP B 159 -5.57 -16.06 -9.92
CA ASP B 159 -4.89 -15.67 -11.14
C ASP B 159 -5.48 -14.40 -11.76
N CYS B 160 -6.60 -13.90 -11.24
CA CYS B 160 -7.50 -13.06 -12.00
C CYS B 160 -7.54 -11.65 -11.44
N VAL B 161 -7.23 -10.68 -12.29
CA VAL B 161 -7.33 -9.26 -11.93
C VAL B 161 -8.74 -8.77 -12.18
N SER B 162 -9.41 -8.33 -11.09
CA SER B 162 -10.73 -7.72 -11.18
C SER B 162 -10.56 -6.21 -11.17
N PHE B 163 -10.72 -5.60 -12.34
CA PHE B 163 -10.67 -4.15 -12.45
C PHE B 163 -12.00 -3.56 -12.02
N CYS B 164 -11.96 -2.59 -11.11
CA CYS B 164 -13.18 -1.99 -10.59
C CYS B 164 -13.26 -0.48 -10.69
N TYR B 165 -12.16 0.22 -10.97
CA TYR B 165 -12.18 1.67 -10.90
C TYR B 165 -11.26 2.22 -11.98
N MET B 166 -11.70 3.31 -12.62
CA MET B 166 -10.86 4.11 -13.52
C MET B 166 -11.00 5.57 -13.12
N HIS B 167 -9.90 6.29 -13.00
CA HIS B 167 -9.92 7.60 -12.39
C HIS B 167 -10.28 8.71 -13.39
N HIS B 168 -11.19 9.61 -12.99
CA HIS B 168 -11.56 10.73 -13.86
C HIS B 168 -11.44 12.13 -13.25
N MET B 169 -11.60 12.32 -11.95
CA MET B 169 -11.69 13.70 -11.49
C MET B 169 -11.49 13.86 -9.99
N GLU B 170 -11.18 15.10 -9.62
CA GLU B 170 -11.07 15.52 -8.23
C GLU B 170 -12.20 16.48 -7.90
N LEU B 171 -12.73 16.35 -6.71
CA LEU B 171 -13.81 17.22 -6.25
C LEU B 171 -13.24 18.40 -5.51
N PRO B 172 -14.01 19.48 -5.35
CA PRO B 172 -13.51 20.63 -4.60
C PRO B 172 -13.01 20.29 -3.20
N THR B 173 -13.56 19.27 -2.56
CA THR B 173 -13.13 18.87 -1.23
C THR B 173 -11.85 18.03 -1.22
N GLY B 174 -11.24 17.76 -2.37
CA GLY B 174 -10.00 17.04 -2.43
C GLY B 174 -10.13 15.55 -2.64
N VAL B 175 -11.35 15.00 -2.56
CA VAL B 175 -11.56 13.57 -2.79
C VAL B 175 -11.76 13.34 -4.28
N HIS B 176 -11.85 12.08 -4.66
CA HIS B 176 -11.71 11.68 -6.04
C HIS B 176 -12.91 10.86 -6.49
N ALA B 177 -13.20 10.94 -7.79
CA ALA B 177 -14.33 10.26 -8.37
C ALA B 177 -13.95 9.67 -9.72
N GLY B 178 -14.66 8.62 -10.08
CA GLY B 178 -14.37 7.92 -11.32
C GLY B 178 -15.43 6.89 -11.60
N THR B 179 -15.10 6.00 -12.53
CA THR B 179 -16.06 5.07 -13.12
C THR B 179 -15.60 3.64 -12.91
N ASP B 180 -16.50 2.71 -13.21
CA ASP B 180 -16.07 1.34 -13.42
C ASP B 180 -15.51 1.24 -14.85
N LEU B 181 -15.08 0.05 -15.26
CA LEU B 181 -14.45 -0.12 -16.56
C LEU B 181 -15.45 -0.21 -17.71
N GLU B 182 -16.74 -0.13 -17.41
CA GLU B 182 -17.78 0.10 -18.41
C GLU B 182 -18.14 1.58 -18.54
N GLY B 183 -17.43 2.47 -17.86
CA GLY B 183 -17.60 3.89 -17.97
C GLY B 183 -18.74 4.48 -17.16
N ASN B 184 -19.32 3.71 -16.23
CA ASN B 184 -20.41 4.20 -15.38
C ASN B 184 -19.83 4.79 -14.10
N PHE B 185 -20.07 6.07 -13.86
CA PHE B 185 -19.54 6.69 -12.66
C PHE B 185 -20.04 5.97 -11.40
N TYR B 186 -19.18 5.91 -10.40
CA TYR B 186 -19.63 5.70 -9.04
C TYR B 186 -20.16 7.02 -8.52
N GLY B 187 -21.39 7.01 -8.01
CA GLY B 187 -21.97 8.21 -7.44
C GLY B 187 -22.59 9.16 -8.44
N PRO B 188 -23.03 10.32 -7.96
CA PRO B 188 -23.84 11.22 -8.79
C PRO B 188 -23.02 12.20 -9.61
N PHE B 189 -21.87 11.76 -10.10
CA PHE B 189 -20.93 12.69 -10.71
C PHE B 189 -20.97 12.55 -12.24
N VAL B 190 -20.52 13.62 -12.90
CA VAL B 190 -20.41 13.67 -14.35
C VAL B 190 -19.02 14.16 -14.72
N ASP B 191 -18.55 13.76 -15.91
CA ASP B 191 -17.21 14.18 -16.35
C ASP B 191 -17.28 15.51 -17.09
N ARG B 192 -17.52 16.56 -16.32
CA ARG B 192 -17.51 17.94 -16.79
C ARG B 192 -16.75 18.75 -15.76
N GLN B 193 -16.05 19.78 -16.24
CA GLN B 193 -15.23 20.61 -15.36
C GLN B 193 -16.12 21.64 -14.65
N THR B 194 -17.07 21.11 -13.87
CA THR B 194 -18.02 21.90 -13.09
C THR B 194 -17.92 21.51 -11.61
N ALA B 195 -18.21 22.47 -10.74
CA ALA B 195 -18.13 22.22 -9.30
C ALA B 195 -19.20 21.21 -8.90
N GLN B 196 -18.78 20.11 -8.29
CA GLN B 196 -19.68 19.04 -7.89
C GLN B 196 -19.37 18.61 -6.46
N ALA B 197 -20.42 18.38 -5.69
CA ALA B 197 -20.27 18.02 -4.29
C ALA B 197 -20.77 16.61 -4.05
N ALA B 198 -20.10 15.88 -3.18
CA ALA B 198 -20.56 14.56 -2.80
C ALA B 198 -21.56 14.64 -1.65
N GLY B 199 -22.35 13.58 -1.50
CA GLY B 199 -23.18 13.46 -0.32
C GLY B 199 -22.36 13.50 0.95
N THR B 200 -23.00 13.83 2.06
CA THR B 200 -22.29 13.75 3.32
C THR B 200 -21.82 12.31 3.50
N ASP B 201 -20.58 12.16 3.95
CA ASP B 201 -20.08 10.80 4.07
C ASP B 201 -20.49 10.22 5.42
N THR B 202 -20.39 8.89 5.49
CA THR B 202 -20.74 8.11 6.66
C THR B 202 -19.68 7.06 6.90
N THR B 203 -19.75 6.44 8.06
CA THR B 203 -18.81 5.41 8.48
C THR B 203 -19.25 4.06 7.96
N ILE B 204 -18.27 3.30 7.46
CA ILE B 204 -18.53 1.99 6.86
C ILE B 204 -18.67 0.94 7.96
N THR B 205 -19.92 0.71 8.37
CA THR B 205 -20.21 -0.16 9.50
C THR B 205 -19.63 -1.56 9.33
N VAL B 206 -19.82 -2.17 8.16
CA VAL B 206 -19.36 -3.56 7.97
C VAL B 206 -17.87 -3.66 8.21
N ASN B 207 -17.11 -2.62 7.84
CA ASN B 207 -15.68 -2.65 8.04
C ASN B 207 -15.29 -2.38 9.49
N VAL B 208 -16.05 -1.55 10.19
CA VAL B 208 -15.82 -1.42 11.63
C VAL B 208 -16.02 -2.76 12.32
N LEU B 209 -17.09 -3.46 11.96
CA LEU B 209 -17.30 -4.78 12.53
C LEU B 209 -16.13 -5.71 12.22
N ALA B 210 -15.65 -5.67 10.97
CA ALA B 210 -14.47 -6.48 10.61
C ALA B 210 -13.32 -6.16 11.54
N TRP B 211 -13.13 -4.87 11.83
CA TRP B 211 -12.04 -4.43 12.70
C TRP B 211 -12.24 -4.94 14.12
N LEU B 212 -13.46 -4.92 14.63
CA LEU B 212 -13.74 -5.50 15.94
C LEU B 212 -13.42 -6.99 15.95
N TYR B 213 -13.81 -7.72 14.90
CA TYR B 213 -13.45 -9.14 14.81
C TYR B 213 -11.93 -9.33 14.80
N ALA B 214 -11.21 -8.51 14.03
CA ALA B 214 -9.75 -8.55 14.06
C ALA B 214 -9.21 -8.35 15.46
N ALA B 215 -9.74 -7.38 16.20
CA ALA B 215 -9.32 -7.18 17.59
C ALA B 215 -9.52 -8.45 18.41
N VAL B 216 -10.67 -9.09 18.25
CA VAL B 216 -10.96 -10.29 19.01
C VAL B 216 -9.96 -11.39 18.67
N ILE B 217 -9.69 -11.56 17.37
CA ILE B 217 -8.75 -12.59 16.95
C ILE B 217 -7.41 -12.41 17.64
N ASN B 218 -7.02 -11.17 17.91
CA ASN B 218 -5.75 -10.83 18.52
C ASN B 218 -5.82 -10.72 20.03
N GLY B 219 -6.94 -11.12 20.63
CA GLY B 219 -7.07 -11.21 22.07
C GLY B 219 -7.55 -9.94 22.74
N ASP B 220 -7.93 -8.92 21.97
CA ASP B 220 -8.40 -7.65 22.50
C ASP B 220 -9.91 -7.66 22.44
N ARG B 221 -10.57 -7.98 23.57
CA ARG B 221 -12.00 -8.30 23.50
C ARG B 221 -12.81 -7.75 24.68
N TRP B 222 -12.32 -6.67 25.30
CA TRP B 222 -13.04 -6.10 26.45
C TRP B 222 -14.43 -5.61 26.07
N PHE B 223 -14.64 -5.26 24.80
CA PHE B 223 -15.88 -4.63 24.34
C PHE B 223 -17.00 -5.62 24.05
N LEU B 224 -16.73 -6.92 24.11
CA LEU B 224 -17.78 -7.92 23.92
C LEU B 224 -18.73 -7.88 25.09
N ASN B 225 -20.03 -7.78 24.81
CA ASN B 225 -21.07 -7.72 25.85
C ASN B 225 -21.95 -8.97 25.77
N ARG B 226 -22.89 -9.08 26.73
CA ARG B 226 -23.73 -10.26 26.85
C ARG B 226 -25.01 -10.20 26.02
N PHE B 227 -25.20 -9.14 25.23
CA PHE B 227 -26.46 -8.85 24.57
C PHE B 227 -26.40 -9.12 23.07
N THR B 228 -27.57 -9.09 22.44
CA THR B 228 -27.69 -9.13 20.99
C THR B 228 -28.72 -8.09 20.56
N THR B 229 -28.99 -8.05 19.27
CA THR B 229 -29.89 -7.06 18.69
C THR B 229 -30.46 -7.67 17.42
N THR B 230 -31.54 -7.07 16.94
CA THR B 230 -31.95 -7.40 15.59
C THR B 230 -31.21 -6.49 14.61
N LEU B 231 -31.17 -6.93 13.36
CA LEU B 231 -30.52 -6.14 12.32
C LEU B 231 -31.21 -4.80 12.13
N ASN B 232 -32.55 -4.80 12.16
CA ASN B 232 -33.29 -3.56 11.96
C ASN B 232 -33.08 -2.59 13.12
N ASP B 233 -33.17 -3.07 14.37
CA ASP B 233 -32.88 -2.20 15.50
C ASP B 233 -31.48 -1.61 15.39
N PHE B 234 -30.50 -2.46 15.04
CA PHE B 234 -29.14 -1.93 14.96
C PHE B 234 -29.03 -0.86 13.86
N ASN B 235 -29.63 -1.13 12.69
CA ASN B 235 -29.53 -0.20 11.58
C ASN B 235 -30.12 1.16 11.94
N LEU B 236 -31.25 1.15 12.65
CA LEU B 236 -31.90 2.41 13.03
C LEU B 236 -31.04 3.19 14.01
N VAL B 237 -30.40 2.51 14.96
CA VAL B 237 -29.51 3.21 15.87
C VAL B 237 -28.26 3.70 15.14
N ALA B 238 -27.70 2.85 14.28
CA ALA B 238 -26.43 3.19 13.63
C ALA B 238 -26.54 4.47 12.82
N MET B 239 -27.67 4.66 12.13
CA MET B 239 -27.84 5.86 11.32
C MET B 239 -27.80 7.12 12.18
N LYS B 240 -28.19 7.04 13.47
CA LYS B 240 -28.15 8.25 14.30
C LYS B 240 -26.73 8.66 14.65
N TYR B 241 -25.76 7.76 14.45
CA TYR B 241 -24.35 8.04 14.67
C TYR B 241 -23.60 8.21 13.35
N ASN B 242 -24.31 8.36 12.24
CA ASN B 242 -23.73 8.57 10.92
C ASN B 242 -22.95 7.35 10.47
N TYR B 243 -23.40 6.18 10.92
CA TYR B 243 -22.94 4.89 10.43
C TYR B 243 -23.89 4.38 9.37
N GLU B 244 -23.35 3.70 8.36
CA GLU B 244 -24.14 3.07 7.33
C GLU B 244 -25.02 1.96 7.90
N PRO B 245 -26.22 1.76 7.35
CA PRO B 245 -26.96 0.54 7.68
C PRO B 245 -26.28 -0.67 7.05
N LEU B 246 -26.44 -1.79 7.71
CA LEU B 246 -25.98 -3.05 7.16
C LEU B 246 -26.98 -3.62 6.16
N THR B 247 -26.46 -4.25 5.13
CA THR B 247 -27.22 -5.04 4.18
C THR B 247 -27.08 -6.53 4.49
N GLN B 248 -27.93 -7.33 3.84
CA GLN B 248 -27.79 -8.78 3.95
C GLN B 248 -26.42 -9.24 3.48
N ASP B 249 -25.90 -8.63 2.41
CA ASP B 249 -24.58 -9.01 1.90
C ASP B 249 -23.49 -8.73 2.92
N HIS B 250 -23.60 -7.62 3.65
CA HIS B 250 -22.69 -7.32 4.75
C HIS B 250 -22.70 -8.42 5.80
N VAL B 251 -23.90 -8.84 6.22
CA VAL B 251 -23.99 -9.90 7.21
C VAL B 251 -23.31 -11.15 6.67
N ASP B 252 -23.48 -11.45 5.38
CA ASP B 252 -22.89 -12.66 4.83
C ASP B 252 -21.36 -12.57 4.74
N ILE B 253 -20.82 -11.42 4.35
CA ILE B 253 -19.37 -11.33 4.22
C ILE B 253 -18.66 -11.30 5.56
N LEU B 254 -19.38 -11.08 6.66
CA LEU B 254 -18.82 -11.22 7.99
C LEU B 254 -18.88 -12.66 8.48
N GLY B 255 -19.50 -13.57 7.72
CA GLY B 255 -19.62 -14.95 8.08
C GLY B 255 -18.32 -15.62 8.48
N PRO B 256 -17.29 -15.53 7.64
CA PRO B 256 -16.02 -16.20 7.97
C PRO B 256 -15.43 -15.74 9.28
N LEU B 257 -15.46 -14.43 9.57
CA LEU B 257 -14.88 -13.92 10.81
C LEU B 257 -15.74 -14.30 12.00
N SER B 258 -17.06 -14.31 11.80
CA SER B 258 -17.97 -14.79 12.83
C SER B 258 -17.70 -16.24 13.15
N ALA B 259 -17.47 -17.05 12.11
CA ALA B 259 -17.17 -18.47 12.36
C ALA B 259 -15.83 -18.65 13.06
N GLN B 260 -14.83 -17.86 12.66
CA GLN B 260 -13.49 -17.96 13.23
C GLN B 260 -13.48 -17.65 14.72
N THR B 261 -14.29 -16.67 15.14
CA THR B 261 -14.35 -16.22 16.53
C THR B 261 -15.48 -16.82 17.36
N GLY B 262 -16.49 -17.41 16.72
CA GLY B 262 -17.67 -17.86 17.45
C GLY B 262 -18.56 -16.74 17.95
N ILE B 263 -18.37 -15.52 17.46
CA ILE B 263 -19.19 -14.38 17.86
C ILE B 263 -20.17 -14.10 16.72
N ALA B 264 -21.46 -14.29 17.00
CA ALA B 264 -22.48 -14.05 16.00
C ALA B 264 -22.42 -12.59 15.54
N VAL B 265 -22.73 -12.39 14.26
CA VAL B 265 -22.71 -11.04 13.69
C VAL B 265 -23.57 -10.08 14.51
N LEU B 266 -24.79 -10.52 14.88
CA LEU B 266 -25.67 -9.62 15.60
C LEU B 266 -25.24 -9.38 17.05
N ASP B 267 -24.51 -10.33 17.65
CA ASP B 267 -23.89 -10.03 18.93
C ASP B 267 -22.81 -8.97 18.79
N MET B 268 -21.99 -9.06 17.73
CA MET B 268 -20.99 -8.02 17.52
C MET B 268 -21.67 -6.68 17.25
N CYS B 269 -22.80 -6.69 16.53
CA CYS B 269 -23.54 -5.45 16.32
C CYS B 269 -23.96 -4.84 17.64
N ALA B 270 -24.39 -5.68 18.59
CA ALA B 270 -24.80 -5.15 19.90
C ALA B 270 -23.61 -4.59 20.65
N SER B 271 -22.42 -5.20 20.51
CA SER B 271 -21.22 -4.61 21.09
C SER B 271 -20.88 -3.26 20.45
N LEU B 272 -20.99 -3.17 19.13
CA LEU B 272 -20.73 -1.90 18.49
C LEU B 272 -21.72 -0.85 18.94
N LYS B 273 -23.01 -1.24 19.05
CA LYS B 273 -24.04 -0.31 19.50
C LYS B 273 -23.68 0.26 20.86
N GLU B 274 -23.17 -0.57 21.77
CA GLU B 274 -22.78 -0.05 23.08
C GLU B 274 -21.61 0.93 22.96
N LEU B 275 -20.62 0.62 22.10
CA LEU B 275 -19.51 1.55 21.89
C LEU B 275 -20.02 2.89 21.36
N LEU B 276 -20.98 2.86 20.44
CA LEU B 276 -21.51 4.08 19.88
C LEU B 276 -22.23 4.89 20.95
N GLN B 277 -23.03 4.21 21.77
CA GLN B 277 -23.87 4.90 22.77
C GLN B 277 -23.08 5.34 24.00
N ASN B 278 -22.02 4.62 24.38
CA ASN B 278 -21.28 4.91 25.60
C ASN B 278 -19.86 5.42 25.36
N GLY B 279 -19.35 5.33 24.14
CA GLY B 279 -17.97 5.67 23.90
C GLY B 279 -17.02 4.62 24.45
N MET B 280 -15.72 4.88 24.23
CA MET B 280 -14.66 3.95 24.63
C MET B 280 -14.26 4.09 26.10
N ASN B 281 -14.55 5.22 26.73
CA ASN B 281 -14.16 5.46 28.12
C ASN B 281 -12.65 5.38 28.29
N GLY B 282 -11.93 6.12 27.44
CA GLY B 282 -10.49 6.17 27.53
C GLY B 282 -9.78 4.86 27.26
N ARG B 283 -10.48 3.85 26.76
CA ARG B 283 -9.86 2.59 26.39
C ARG B 283 -9.50 2.62 24.91
N THR B 284 -8.71 1.63 24.50
CA THR B 284 -8.31 1.50 23.11
C THR B 284 -8.67 0.10 22.61
N ILE B 285 -8.71 -0.03 21.30
CA ILE B 285 -8.94 -1.30 20.61
C ILE B 285 -7.86 -1.43 19.55
N LEU B 286 -7.05 -2.48 19.63
CA LEU B 286 -5.92 -2.64 18.72
C LEU B 286 -5.00 -1.42 18.76
N GLY B 287 -4.84 -0.84 19.94
CA GLY B 287 -3.92 0.27 20.09
C GLY B 287 -4.41 1.56 19.47
N SER B 288 -5.70 1.86 19.61
CA SER B 288 -6.27 3.03 18.98
C SER B 288 -7.60 3.33 19.65
N ALA B 289 -7.87 4.61 19.91
CA ALA B 289 -9.17 5.02 20.39
C ALA B 289 -10.14 5.29 19.26
N LEU B 290 -9.70 5.19 18.02
CA LEU B 290 -10.55 5.39 16.85
C LEU B 290 -10.92 4.04 16.27
N LEU B 291 -12.19 3.90 15.87
CA LEU B 291 -12.62 2.72 15.12
C LEU B 291 -12.28 2.89 13.64
N GLU B 292 -11.55 1.92 13.10
CA GLU B 292 -11.10 1.92 11.72
C GLU B 292 -12.18 1.37 10.81
N ASP B 293 -12.43 2.04 9.66
CA ASP B 293 -13.49 1.59 8.77
C ASP B 293 -13.03 1.36 7.33
N GLU B 294 -11.72 1.25 7.08
CA GLU B 294 -11.22 0.98 5.73
C GLU B 294 -10.52 -0.37 5.59
N PHE B 295 -10.79 -1.31 6.50
CA PHE B 295 -10.39 -2.71 6.33
C PHE B 295 -11.64 -3.57 6.19
N THR B 296 -11.80 -4.21 5.04
CA THR B 296 -12.93 -5.09 4.82
C THR B 296 -12.74 -6.42 5.52
N PRO B 297 -13.81 -7.22 5.62
CA PRO B 297 -13.63 -8.58 6.17
C PRO B 297 -12.56 -9.38 5.43
N PHE B 298 -12.46 -9.22 4.11
CA PHE B 298 -11.42 -9.92 3.35
C PHE B 298 -10.03 -9.42 3.72
N ASP B 299 -9.86 -8.09 3.80
CA ASP B 299 -8.59 -7.50 4.21
C ASP B 299 -8.12 -8.06 5.55
N VAL B 300 -9.03 -8.16 6.51
CA VAL B 300 -8.65 -8.72 7.81
C VAL B 300 -8.14 -10.14 7.64
N VAL B 301 -8.85 -10.94 6.85
CA VAL B 301 -8.43 -12.33 6.63
C VAL B 301 -7.12 -12.37 5.85
N ARG B 302 -6.92 -11.43 4.90
CA ARG B 302 -5.65 -11.37 4.16
C ARG B 302 -4.46 -11.22 5.11
N GLN B 303 -4.51 -10.21 5.99
CA GLN B 303 -3.38 -9.92 6.84
C GLN B 303 -3.22 -10.91 7.98
N CYS B 304 -4.26 -11.70 8.28
CA CYS B 304 -4.19 -12.68 9.35
C CYS B 304 -3.88 -14.09 8.85
N SER B 305 -3.76 -14.30 7.53
CA SER B 305 -3.56 -15.63 6.99
C SER B 305 -2.41 -15.69 5.98
N GLY B 306 -2.55 -15.04 4.83
CA GLY B 306 -1.48 -14.98 3.85
C GLY B 306 -1.89 -15.42 2.45
#